data_3TQV
#
_entry.id   3TQV
#
_cell.length_a   74.780
_cell.length_b   46.474
_cell.length_c   99.814
_cell.angle_alpha   90.000
_cell.angle_beta   108.260
_cell.angle_gamma   90.000
#
_symmetry.space_group_name_H-M   'P 1 21 1'
#
loop_
_entity.id
_entity.type
_entity.pdbx_description
1 polymer 'Nicotinate-nucleotide pyrophosphorylase'
2 non-polymer 'PHOSPHATE ION'
3 water water
#
_entity_poly.entity_id   1
_entity_poly.type   'polypeptide(L)'
_entity_poly.pdbx_seq_one_letter_code
;(MSE)ADV(MSE)LNTDQINKVPNDIVTRLVRESLAEDIATGDITAQLAEDIDTTAFCITREE(MSE)ILCGQDFANEVI
NQLDKNIQITWLYSDAQKVPANARIFELKGNVRSILTAERTILNFIQ(MSE)LSGTATVTNKLVKLISQYKTKLLDTRKT
IPGFRLAQKYAVRCGGGFNHRIGLFDAYLIKENHIRSAGGIAKAVTKAKKLDSNKVVEVEVTNLDELNQAIAAKADIV
(MSE)LDNFSGEDIDIAVSIARGKVALEVSGNIDRNSIVAIAKTGVDFISVGAITKHIKAIDLSLQVQL
;
_entity_poly.pdbx_strand_id   A,B
#
loop_
_chem_comp.id
_chem_comp.type
_chem_comp.name
_chem_comp.formula
PO4 non-polymer 'PHOSPHATE ION' 'O4 P -3'
#
# COMPACT_ATOMS: atom_id res chain seq x y z
N ASN A 7 -19.16 -9.47 -17.38
CA ASN A 7 -19.04 -10.89 -17.05
C ASN A 7 -18.96 -11.21 -15.55
N THR A 8 -17.96 -10.62 -14.89
CA THR A 8 -17.82 -10.65 -13.43
C THR A 8 -18.50 -9.39 -12.86
N ASP A 9 -18.76 -9.38 -11.56
CA ASP A 9 -19.24 -8.18 -10.89
C ASP A 9 -18.21 -7.07 -10.96
N GLN A 10 -18.60 -5.89 -11.44
CA GLN A 10 -17.67 -4.76 -11.47
C GLN A 10 -17.95 -3.79 -10.30
N ILE A 11 -16.89 -3.20 -9.79
CA ILE A 11 -16.94 -2.43 -8.55
C ILE A 11 -16.93 -0.95 -8.87
N ASN A 12 -18.12 -0.38 -8.93
CA ASN A 12 -18.30 1.01 -9.34
C ASN A 12 -18.58 1.93 -8.15
N LYS A 13 -18.53 1.32 -6.96
CA LYS A 13 -18.68 2.03 -5.71
C LYS A 13 -18.18 1.13 -4.57
N VAL A 14 -17.45 1.72 -3.63
CA VAL A 14 -17.06 1.03 -2.42
C VAL A 14 -18.14 1.14 -1.36
N PRO A 15 -18.59 0.00 -0.83
CA PRO A 15 -19.71 0.02 0.12
C PRO A 15 -19.46 0.95 1.30
N ASN A 16 -20.47 1.70 1.73
CA ASN A 16 -20.28 2.73 2.74
C ASN A 16 -19.53 2.24 3.96
N ASP A 17 -19.95 1.13 4.55
CA ASP A 17 -19.35 0.72 5.82
C ASP A 17 -17.86 0.41 5.69
N ILE A 18 -17.48 -0.23 4.61
CA ILE A 18 -16.06 -0.37 4.32
C ILE A 18 -15.36 1.00 4.41
N VAL A 19 -15.86 2.01 3.70
CA VAL A 19 -15.26 3.34 3.74
C VAL A 19 -15.25 3.89 5.17
N THR A 20 -16.33 3.64 5.88
CA THR A 20 -16.44 4.16 7.23
C THR A 20 -15.44 3.53 8.19
N ARG A 21 -15.36 2.20 8.15
CA ARG A 21 -14.50 1.44 9.04
C ARG A 21 -13.02 1.73 8.74
N LEU A 22 -12.67 1.85 7.47
CA LEU A 22 -11.32 2.20 7.09
C LEU A 22 -10.94 3.58 7.64
N VAL A 23 -11.71 4.60 7.29
CA VAL A 23 -11.47 5.96 7.76
C VAL A 23 -11.39 6.04 9.29
N ARG A 24 -12.34 5.42 9.97
CA ARG A 24 -12.30 5.37 11.44
C ARG A 24 -10.97 4.84 12.01
N GLU A 25 -10.53 3.67 11.56
CA GLU A 25 -9.29 3.09 12.08
C GLU A 25 -8.04 3.92 11.75
N SER A 26 -8.04 4.56 10.58
CA SER A 26 -6.89 5.34 10.15
C SER A 26 -6.81 6.67 10.87
N LEU A 27 -7.98 7.22 11.22
CA LEU A 27 -8.03 8.41 12.07
C LEU A 27 -7.55 8.03 13.48
N ALA A 28 -8.09 6.94 14.01
CA ALA A 28 -7.72 6.49 15.34
C ALA A 28 -6.20 6.31 15.45
N GLU A 29 -5.63 5.61 14.49
CA GLU A 29 -4.21 5.28 14.53
C GLU A 29 -3.35 6.53 14.44
N ASP A 30 -3.89 7.60 13.88
CA ASP A 30 -3.10 8.84 13.75
C ASP A 30 -3.38 9.81 14.92
N ILE A 31 -4.63 9.86 15.37
CA ILE A 31 -5.11 10.94 16.22
C ILE A 31 -4.99 10.58 17.71
N ALA A 32 -5.40 9.36 18.06
CA ALA A 32 -5.47 8.94 19.45
C ALA A 32 -6.16 10.00 20.31
N THR A 33 -5.62 10.26 21.49
CA THR A 33 -6.18 11.25 22.42
C THR A 33 -6.41 12.63 21.80
N GLY A 34 -5.72 12.92 20.69
CA GLY A 34 -5.97 14.15 19.96
C GLY A 34 -4.71 14.78 19.43
N ASP A 35 -4.82 15.51 18.32
CA ASP A 35 -3.68 16.20 17.72
C ASP A 35 -3.18 17.34 18.61
N ILE A 36 -2.06 17.09 19.28
CA ILE A 36 -1.51 18.03 20.24
C ILE A 36 -0.95 19.31 19.62
N THR A 37 -0.50 19.25 18.36
CA THR A 37 0.18 20.39 17.72
C THR A 37 -0.82 21.42 17.18
N ALA A 38 -2.05 20.96 16.98
CA ALA A 38 -3.15 21.79 16.47
C ALA A 38 -3.63 22.84 17.47
N GLN A 39 -3.34 22.62 18.74
CA GLN A 39 -3.75 23.54 19.79
C GLN A 39 -2.98 24.85 19.74
N LEU A 40 -1.87 24.83 19.03
CA LEU A 40 -1.01 26.00 18.87
C LEU A 40 -1.59 26.91 17.80
N ALA A 41 -2.41 26.33 16.93
CA ALA A 41 -3.04 27.08 15.85
C ALA A 41 -4.31 27.79 16.32
N GLU A 42 -4.60 28.90 15.65
CA GLU A 42 -5.77 29.73 15.95
C GLU A 42 -7.07 28.99 15.77
N ASP A 43 -7.96 29.09 16.76
CA ASP A 43 -9.26 28.44 16.65
C ASP A 43 -10.19 29.24 15.72
N ILE A 44 -9.78 29.38 14.46
CA ILE A 44 -10.42 30.27 13.51
C ILE A 44 -10.80 29.54 12.22
N ASP A 45 -11.77 30.03 11.48
CA ASP A 45 -12.05 29.46 10.17
C ASP A 45 -11.02 29.92 9.15
N THR A 46 -10.70 29.04 8.22
CA THR A 46 -9.82 29.38 7.12
C THR A 46 -10.22 28.60 5.87
N THR A 47 -9.34 28.60 4.90
CA THR A 47 -9.65 28.04 3.60
C THR A 47 -8.47 27.18 3.22
N ALA A 48 -8.66 26.25 2.28
CA ALA A 48 -7.52 25.50 1.76
C ALA A 48 -7.82 24.81 0.44
N PHE A 49 -6.78 24.38 -0.25
CA PHE A 49 -6.98 23.63 -1.47
C PHE A 49 -5.93 22.54 -1.59
N CYS A 50 -6.27 21.48 -2.32
CA CYS A 50 -5.36 20.37 -2.49
C CYS A 50 -4.94 20.30 -3.93
N ILE A 51 -3.64 20.21 -4.15
CA ILE A 51 -3.10 20.21 -5.49
C ILE A 51 -2.34 18.91 -5.77
N THR A 52 -2.47 18.41 -6.99
CA THR A 52 -1.64 17.30 -7.48
C THR A 52 -0.40 17.84 -8.15
N ARG A 53 0.77 17.24 -7.89
CA ARG A 53 2.00 17.70 -8.52
C ARG A 53 2.38 16.84 -9.75
N GLU A 54 1.45 16.05 -10.24
CA GLU A 54 1.68 15.25 -11.44
C GLU A 54 0.36 14.86 -12.08
N GLU A 55 0.40 14.46 -13.34
CA GLU A 55 -0.80 14.00 -13.99
C GLU A 55 -1.25 12.72 -13.31
N MSE A 56 -2.56 12.50 -13.27
CA MSE A 56 -3.08 11.45 -12.42
C MSE A 56 -4.54 11.14 -12.68
O MSE A 56 -5.28 11.99 -13.19
CB MSE A 56 -2.87 11.87 -10.97
CG MSE A 56 -3.89 11.33 -10.00
SE MSE A 56 -5.04 12.75 -9.34
CE MSE A 56 -4.94 12.34 -7.45
N ILE A 57 -4.96 9.92 -12.36
CA ILE A 57 -6.39 9.59 -12.33
C ILE A 57 -6.86 9.65 -10.89
N LEU A 58 -7.97 10.34 -10.65
CA LEU A 58 -8.42 10.54 -9.29
C LEU A 58 -9.24 9.38 -8.74
N CYS A 59 -8.96 9.02 -7.50
CA CYS A 59 -9.71 8.02 -6.79
C CYS A 59 -9.57 8.25 -5.27
N GLY A 60 -10.67 8.10 -4.53
CA GLY A 60 -10.70 8.35 -3.10
C GLY A 60 -11.63 9.45 -2.57
N GLN A 61 -12.37 10.11 -3.46
CA GLN A 61 -13.44 11.02 -3.04
C GLN A 61 -14.17 10.51 -1.79
N ASP A 62 -14.85 9.37 -1.93
CA ASP A 62 -15.63 8.79 -0.84
C ASP A 62 -14.88 8.77 0.50
N PHE A 63 -13.57 8.57 0.44
CA PHE A 63 -12.75 8.49 1.64
C PHE A 63 -12.43 9.87 2.24
N ALA A 64 -12.08 10.81 1.38
CA ALA A 64 -11.85 12.19 1.80
C ALA A 64 -13.10 12.76 2.47
N ASN A 65 -14.23 12.69 1.75
CA ASN A 65 -15.55 13.08 2.27
C ASN A 65 -15.80 12.46 3.65
N GLU A 66 -15.62 11.14 3.73
CA GLU A 66 -15.94 10.38 4.92
C GLU A 66 -15.04 10.79 6.08
N VAL A 67 -13.77 11.03 5.79
CA VAL A 67 -12.88 11.60 6.80
C VAL A 67 -13.46 12.90 7.34
N ILE A 68 -13.82 13.82 6.44
CA ILE A 68 -14.39 15.11 6.85
C ILE A 68 -15.54 14.90 7.84
N ASN A 69 -16.47 14.04 7.42
CA ASN A 69 -17.68 13.68 8.14
C ASN A 69 -17.45 13.14 9.55
N GLN A 70 -16.34 12.44 9.75
CA GLN A 70 -16.03 11.86 11.04
C GLN A 70 -15.31 12.86 11.91
N LEU A 71 -14.49 13.71 11.27
CA LEU A 71 -13.79 14.75 12.00
C LEU A 71 -14.62 16.00 12.34
N ASP A 72 -15.16 16.66 11.33
CA ASP A 72 -15.85 17.93 11.56
C ASP A 72 -16.73 18.29 10.37
N LYS A 73 -18.03 18.00 10.52
CA LYS A 73 -19.02 18.24 9.46
C LYS A 73 -19.16 19.72 9.11
N ASN A 74 -18.46 20.57 9.86
CA ASN A 74 -18.43 21.99 9.56
C ASN A 74 -17.47 22.38 8.43
N ILE A 75 -16.57 21.47 8.05
CA ILE A 75 -15.73 21.67 6.88
C ILE A 75 -16.57 21.52 5.60
N GLN A 76 -16.51 22.52 4.73
CA GLN A 76 -17.15 22.42 3.42
C GLN A 76 -16.12 22.00 2.38
N ILE A 77 -16.49 21.02 1.56
CA ILE A 77 -15.61 20.57 0.49
C ILE A 77 -16.26 20.80 -0.88
N THR A 78 -15.47 21.26 -1.83
CA THR A 78 -15.95 21.39 -3.19
C THR A 78 -14.99 20.67 -4.12
N TRP A 79 -15.50 19.69 -4.86
CA TRP A 79 -14.68 18.93 -5.79
C TRP A 79 -14.62 19.53 -7.19
N LEU A 80 -13.41 19.80 -7.67
CA LEU A 80 -13.19 20.31 -9.03
C LEU A 80 -12.98 19.19 -10.01
N TYR A 81 -12.72 18.00 -9.48
CA TYR A 81 -12.57 16.80 -10.29
C TYR A 81 -13.15 15.69 -9.44
N SER A 82 -13.78 14.73 -10.09
CA SER A 82 -14.38 13.59 -9.42
C SER A 82 -13.62 12.28 -9.68
N ASP A 83 -13.98 11.24 -8.94
CA ASP A 83 -13.39 9.92 -9.09
C ASP A 83 -13.45 9.46 -10.54
N ALA A 84 -12.28 9.09 -11.05
CA ALA A 84 -12.09 8.41 -12.34
C ALA A 84 -11.87 9.38 -13.48
N GLN A 85 -11.62 10.64 -13.14
CA GLN A 85 -11.24 11.64 -14.13
C GLN A 85 -9.72 11.75 -14.26
N LYS A 86 -9.26 12.27 -15.38
CA LYS A 86 -7.85 12.57 -15.54
C LYS A 86 -7.58 13.95 -14.96
N VAL A 87 -6.82 14.00 -13.88
CA VAL A 87 -6.43 15.27 -13.30
C VAL A 87 -5.07 15.71 -13.80
N PRO A 88 -5.00 16.90 -14.37
CA PRO A 88 -3.75 17.44 -14.92
C PRO A 88 -2.79 17.87 -13.81
N ALA A 89 -1.50 17.76 -14.06
CA ALA A 89 -0.47 18.23 -13.13
C ALA A 89 -0.72 19.66 -12.66
N ASN A 90 -0.60 19.89 -11.35
CA ASN A 90 -0.71 21.23 -10.76
C ASN A 90 -2.14 21.78 -10.71
N ALA A 91 -3.12 20.93 -11.00
CA ALA A 91 -4.50 21.34 -10.88
C ALA A 91 -4.95 21.05 -9.48
N ARG A 92 -5.84 21.91 -8.98
CA ARG A 92 -6.48 21.70 -7.70
C ARG A 92 -7.53 20.62 -7.83
N ILE A 93 -7.63 19.76 -6.81
CA ILE A 93 -8.60 18.68 -6.79
C ILE A 93 -9.87 19.14 -6.10
N PHE A 94 -9.69 19.71 -4.92
CA PHE A 94 -10.83 20.13 -4.13
C PHE A 94 -10.50 21.36 -3.30
N GLU A 95 -11.54 22.02 -2.81
CA GLU A 95 -11.34 23.19 -1.97
C GLU A 95 -12.09 22.99 -0.67
N LEU A 96 -11.46 23.42 0.41
CA LEU A 96 -12.05 23.30 1.72
C LEU A 96 -12.30 24.68 2.28
N LYS A 97 -13.44 24.85 2.95
CA LYS A 97 -13.64 26.02 3.79
C LYS A 97 -13.97 25.50 5.18
N GLY A 98 -13.17 25.88 6.18
CA GLY A 98 -13.38 25.36 7.53
C GLY A 98 -12.41 25.76 8.63
N ASN A 99 -12.46 25.03 9.74
CA ASN A 99 -11.67 25.30 10.95
C ASN A 99 -10.21 24.90 10.82
N VAL A 100 -9.29 25.77 11.21
CA VAL A 100 -7.87 25.50 11.00
C VAL A 100 -7.43 24.16 11.63
N ARG A 101 -7.82 23.96 12.88
CA ARG A 101 -7.45 22.77 13.63
C ARG A 101 -7.98 21.49 12.99
N SER A 102 -9.27 21.47 12.70
CA SER A 102 -9.87 20.27 12.13
C SER A 102 -9.11 19.92 10.84
N ILE A 103 -8.87 20.95 10.03
CA ILE A 103 -8.22 20.79 8.75
C ILE A 103 -6.79 20.29 8.86
N LEU A 104 -6.00 20.92 9.73
CA LEU A 104 -4.62 20.48 9.94
C LEU A 104 -4.57 19.01 10.38
N THR A 105 -5.60 18.58 11.09
CA THR A 105 -5.64 17.24 11.64
C THR A 105 -6.12 16.23 10.61
N ALA A 106 -6.98 16.66 9.70
CA ALA A 106 -7.61 15.77 8.74
C ALA A 106 -6.65 15.49 7.60
N GLU A 107 -5.80 16.49 7.35
CA GLU A 107 -4.93 16.53 6.18
C GLU A 107 -4.29 15.22 5.75
N ARG A 108 -3.46 14.66 6.64
CA ARG A 108 -2.56 13.56 6.27
C ARG A 108 -3.35 12.29 5.92
N THR A 109 -4.37 11.99 6.72
CA THR A 109 -5.27 10.87 6.43
C THR A 109 -5.94 11.09 5.08
N ILE A 110 -6.45 12.30 4.87
CA ILE A 110 -6.99 12.63 3.56
C ILE A 110 -5.98 12.34 2.45
N LEU A 111 -4.86 13.08 2.43
CA LEU A 111 -3.83 12.80 1.44
C LEU A 111 -3.49 11.32 1.34
N ASN A 112 -3.10 10.70 2.47
CA ASN A 112 -2.83 9.25 2.47
C ASN A 112 -3.81 8.37 1.67
N PHE A 113 -5.10 8.72 1.68
CA PHE A 113 -6.04 7.96 0.86
C PHE A 113 -5.94 8.26 -0.66
N ILE A 114 -6.00 9.53 -1.03
CA ILE A 114 -6.01 9.89 -2.45
C ILE A 114 -4.70 9.48 -3.11
N GLN A 115 -3.59 9.68 -2.41
CA GLN A 115 -2.29 9.37 -3.01
C GLN A 115 -2.15 7.88 -3.29
N MSE A 116 -2.86 7.09 -2.51
CA MSE A 116 -2.79 5.64 -2.64
C MSE A 116 -3.71 5.11 -3.74
O MSE A 116 -3.27 4.36 -4.62
CB MSE A 116 -3.18 4.98 -1.32
CG MSE A 116 -2.95 3.52 -1.30
SE MSE A 116 -4.19 2.56 -0.15
CE MSE A 116 -4.86 4.05 0.87
N LEU A 117 -4.97 5.50 -3.70
CA LEU A 117 -5.95 4.96 -4.63
C LEU A 117 -5.82 5.57 -6.01
N SER A 118 -5.42 6.82 -6.07
CA SER A 118 -5.22 7.49 -7.34
C SER A 118 -3.97 6.86 -7.92
N GLY A 119 -3.05 6.50 -7.04
CA GLY A 119 -1.87 5.76 -7.45
C GLY A 119 -2.25 4.49 -8.16
N THR A 120 -3.03 3.65 -7.49
CA THR A 120 -3.55 2.45 -8.12
C THR A 120 -4.31 2.72 -9.42
N ALA A 121 -5.18 3.72 -9.45
CA ALA A 121 -5.90 4.03 -10.67
C ALA A 121 -4.97 4.56 -11.78
N THR A 122 -3.94 5.29 -11.38
CA THR A 122 -3.02 5.89 -12.34
C THR A 122 -2.12 4.87 -13.04
N VAL A 123 -1.56 3.93 -12.29
CA VAL A 123 -0.76 2.88 -12.88
C VAL A 123 -1.63 2.13 -13.85
N THR A 124 -2.81 1.76 -13.38
CA THR A 124 -3.75 0.99 -14.17
C THR A 124 -3.99 1.72 -15.49
N ASN A 125 -4.38 2.99 -15.40
CA ASN A 125 -4.54 3.79 -16.60
C ASN A 125 -3.36 3.77 -17.57
N LYS A 126 -2.13 3.88 -17.05
CA LYS A 126 -0.96 3.82 -17.94
C LYS A 126 -1.03 2.58 -18.83
N LEU A 127 -1.11 1.40 -18.21
CA LEU A 127 -1.18 0.14 -18.94
C LEU A 127 -2.30 0.14 -19.97
N VAL A 128 -3.49 0.62 -19.57
CA VAL A 128 -4.60 0.69 -20.51
C VAL A 128 -4.21 1.50 -21.74
N LYS A 129 -3.67 2.69 -21.52
CA LYS A 129 -3.24 3.52 -22.65
C LYS A 129 -2.24 2.78 -23.54
N LEU A 130 -1.41 1.95 -22.93
CA LEU A 130 -0.40 1.22 -23.68
C LEU A 130 -1.04 0.20 -24.63
N ILE A 131 -2.15 -0.38 -24.21
CA ILE A 131 -2.79 -1.40 -25.04
C ILE A 131 -4.05 -0.90 -25.73
N SER A 132 -4.24 0.43 -25.65
CA SER A 132 -5.25 1.22 -26.34
C SER A 132 -5.62 0.80 -27.77
N GLN A 133 -4.61 0.48 -28.59
CA GLN A 133 -4.83 0.06 -29.97
C GLN A 133 -5.21 -1.41 -30.21
N TYR A 134 -5.28 -2.22 -29.16
CA TYR A 134 -5.61 -3.64 -29.33
C TYR A 134 -6.97 -3.95 -28.72
N LYS A 135 -7.49 -5.14 -29.01
CA LYS A 135 -8.82 -5.53 -28.56
C LYS A 135 -8.76 -6.02 -27.10
N THR A 136 -7.56 -6.02 -26.55
CA THR A 136 -7.31 -6.63 -25.26
C THR A 136 -7.75 -5.79 -24.05
N LYS A 137 -8.40 -6.43 -23.09
CA LYS A 137 -8.82 -5.72 -21.88
C LYS A 137 -7.98 -6.12 -20.65
N LEU A 138 -7.89 -5.20 -19.71
CA LEU A 138 -7.06 -5.36 -18.52
C LEU A 138 -7.88 -5.94 -17.36
N LEU A 139 -7.35 -6.97 -16.72
CA LEU A 139 -7.98 -7.55 -15.52
C LEU A 139 -7.06 -7.54 -14.30
N ASP A 140 -7.66 -7.45 -13.11
CA ASP A 140 -6.89 -7.45 -11.85
C ASP A 140 -6.88 -8.83 -11.18
N THR A 141 -6.38 -8.88 -9.95
CA THR A 141 -6.19 -10.15 -9.24
C THR A 141 -6.60 -10.00 -7.78
N ARG A 142 -6.17 -10.96 -6.96
CA ARG A 142 -6.42 -10.89 -5.54
C ARG A 142 -5.17 -10.43 -4.79
N LYS A 143 -4.16 -10.01 -5.56
CA LYS A 143 -2.93 -9.46 -4.99
C LYS A 143 -3.11 -7.98 -4.65
N THR A 144 -3.88 -7.72 -3.60
CA THR A 144 -4.24 -6.38 -3.21
C THR A 144 -3.70 -6.10 -1.83
N ILE A 145 -3.89 -4.87 -1.37
CA ILE A 145 -3.54 -4.52 0.00
C ILE A 145 -4.60 -5.02 1.00
N PRO A 146 -4.15 -5.81 2.00
CA PRO A 146 -5.07 -6.33 3.01
C PRO A 146 -6.02 -5.23 3.48
N GLY A 147 -7.33 -5.46 3.37
CA GLY A 147 -8.31 -4.47 3.76
C GLY A 147 -8.76 -3.53 2.64
N PHE A 148 -8.01 -3.51 1.54
CA PHE A 148 -8.33 -2.64 0.41
C PHE A 148 -8.73 -3.42 -0.83
N ARG A 149 -9.34 -4.58 -0.62
CA ARG A 149 -9.75 -5.46 -1.70
C ARG A 149 -10.76 -4.75 -2.62
N LEU A 150 -11.89 -4.34 -2.07
CA LEU A 150 -12.89 -3.63 -2.83
C LEU A 150 -12.38 -2.24 -3.26
N ALA A 151 -11.77 -1.51 -2.32
CA ALA A 151 -11.16 -0.22 -2.63
C ALA A 151 -10.33 -0.25 -3.92
N GLN A 152 -9.43 -1.22 -4.03
CA GLN A 152 -8.54 -1.31 -5.18
C GLN A 152 -9.22 -1.90 -6.44
N LYS A 153 -10.20 -2.77 -6.27
CA LYS A 153 -10.99 -3.18 -7.42
C LYS A 153 -11.62 -1.91 -8.02
N TYR A 154 -12.07 -1.02 -7.13
CA TYR A 154 -12.61 0.26 -7.52
C TYR A 154 -11.58 1.21 -8.13
N ALA A 155 -10.38 1.26 -7.56
CA ALA A 155 -9.32 2.10 -8.11
C ALA A 155 -8.97 1.60 -9.51
N VAL A 156 -8.99 0.29 -9.68
CA VAL A 156 -8.74 -0.32 -10.98
C VAL A 156 -9.83 0.06 -12.00
N ARG A 157 -11.09 -0.05 -11.62
CA ARG A 157 -12.20 0.31 -12.49
C ARG A 157 -12.06 1.76 -12.88
N CYS A 158 -11.72 2.58 -11.89
CA CYS A 158 -11.56 4.01 -12.08
C CYS A 158 -10.53 4.31 -13.16
N GLY A 159 -9.54 3.43 -13.31
CA GLY A 159 -8.44 3.65 -14.23
C GLY A 159 -8.54 3.04 -15.63
N GLY A 160 -9.66 2.37 -15.91
CA GLY A 160 -9.87 1.76 -17.22
C GLY A 160 -9.77 0.25 -17.19
N GLY A 161 -9.30 -0.30 -16.08
CA GLY A 161 -9.15 -1.74 -15.92
C GLY A 161 -10.46 -2.39 -15.51
N PHE A 162 -10.54 -3.71 -15.66
CA PHE A 162 -11.77 -4.43 -15.28
C PHE A 162 -11.53 -5.47 -14.17
N ASN A 163 -12.58 -5.80 -13.44
CA ASN A 163 -12.47 -6.68 -12.29
C ASN A 163 -12.58 -8.17 -12.59
N HIS A 164 -11.50 -8.87 -12.31
CA HIS A 164 -11.53 -10.32 -12.17
C HIS A 164 -12.35 -10.59 -10.91
N ARG A 165 -12.55 -11.86 -10.55
CA ARG A 165 -13.40 -12.18 -9.42
C ARG A 165 -12.95 -11.40 -8.19
N ILE A 166 -13.88 -11.10 -7.29
CA ILE A 166 -13.58 -10.33 -6.08
C ILE A 166 -12.77 -11.14 -5.06
N GLY A 167 -13.15 -12.39 -4.86
CA GLY A 167 -12.49 -13.20 -3.87
C GLY A 167 -12.47 -14.67 -4.22
N LEU A 168 -12.60 -15.52 -3.19
CA LEU A 168 -12.67 -16.96 -3.36
C LEU A 168 -14.12 -17.43 -3.38
N PHE A 169 -15.04 -16.54 -3.04
CA PHE A 169 -16.47 -16.88 -2.96
C PHE A 169 -17.31 -16.68 -4.23
N ASP A 170 -16.93 -15.74 -5.10
CA ASP A 170 -17.81 -15.34 -6.20
C ASP A 170 -17.59 -16.00 -7.57
N ALA A 171 -16.48 -16.71 -7.72
CA ALA A 171 -16.19 -17.40 -8.98
C ALA A 171 -15.22 -18.55 -8.74
N TYR A 172 -15.24 -19.54 -9.61
CA TYR A 172 -14.31 -20.65 -9.52
C TYR A 172 -12.97 -20.30 -10.14
N LEU A 173 -11.88 -20.79 -9.56
CA LEU A 173 -10.59 -20.70 -10.20
C LEU A 173 -9.79 -21.98 -10.00
N ILE A 174 -9.99 -22.93 -10.91
CA ILE A 174 -9.32 -24.21 -10.81
C ILE A 174 -7.86 -24.08 -11.21
N LYS A 175 -6.97 -24.18 -10.22
CA LYS A 175 -5.53 -24.04 -10.43
C LYS A 175 -4.88 -25.41 -10.38
N GLU A 176 -3.56 -25.44 -10.55
CA GLU A 176 -2.78 -26.67 -10.54
C GLU A 176 -3.14 -27.57 -9.36
N ASN A 177 -3.24 -26.95 -8.19
CA ASN A 177 -3.44 -27.66 -6.94
C ASN A 177 -4.77 -28.42 -6.89
N HIS A 178 -5.83 -27.77 -7.34
CA HIS A 178 -7.13 -28.43 -7.40
C HIS A 178 -7.11 -29.49 -8.49
N ILE A 179 -6.32 -29.24 -9.54
CA ILE A 179 -6.22 -30.15 -10.67
C ILE A 179 -5.48 -31.43 -10.30
N GLY A 184 -8.38 -34.81 -12.12
CA GLY A 184 -7.90 -33.95 -13.18
C GLY A 184 -8.82 -32.78 -13.53
N ILE A 185 -8.58 -32.17 -14.68
CA ILE A 185 -9.36 -31.03 -15.13
C ILE A 185 -10.84 -31.38 -15.35
N ALA A 186 -11.12 -32.28 -16.30
CA ALA A 186 -12.51 -32.70 -16.57
C ALA A 186 -13.32 -32.87 -15.30
N LYS A 187 -12.80 -33.68 -14.39
CA LYS A 187 -13.51 -33.95 -13.16
C LYS A 187 -13.78 -32.62 -12.47
N ALA A 188 -12.70 -31.89 -12.19
CA ALA A 188 -12.76 -30.70 -11.36
C ALA A 188 -13.78 -29.69 -11.87
N VAL A 189 -13.81 -29.48 -13.17
CA VAL A 189 -14.81 -28.61 -13.75
C VAL A 189 -16.22 -29.18 -13.50
N THR A 190 -16.41 -30.45 -13.85
CA THR A 190 -17.69 -31.12 -13.66
C THR A 190 -18.23 -31.03 -12.21
N LYS A 191 -17.37 -31.24 -11.23
CA LYS A 191 -17.81 -31.16 -9.85
C LYS A 191 -18.14 -29.73 -9.44
N ALA A 192 -17.53 -28.76 -10.12
CA ALA A 192 -17.81 -27.36 -9.83
C ALA A 192 -19.22 -26.97 -10.24
N LYS A 193 -19.61 -27.34 -11.46
CA LYS A 193 -20.92 -26.99 -11.99
C LYS A 193 -21.98 -27.74 -11.21
N LYS A 194 -21.61 -28.89 -10.66
CA LYS A 194 -22.52 -29.62 -9.79
C LYS A 194 -22.81 -28.79 -8.53
N LEU A 195 -21.76 -28.53 -7.77
CA LEU A 195 -21.85 -27.76 -6.56
C LEU A 195 -22.56 -26.43 -6.80
N ASP A 196 -22.47 -25.90 -8.02
CA ASP A 196 -22.99 -24.56 -8.28
C ASP A 196 -22.88 -24.19 -9.77
N SER A 197 -23.94 -24.44 -10.52
CA SER A 197 -23.94 -24.18 -11.95
C SER A 197 -23.96 -22.67 -12.24
N ASN A 198 -24.16 -21.89 -11.19
CA ASN A 198 -24.37 -20.45 -11.34
C ASN A 198 -23.12 -19.58 -11.34
N LYS A 199 -21.95 -20.18 -11.18
CA LYS A 199 -20.71 -19.40 -11.11
C LYS A 199 -19.86 -19.56 -12.33
N VAL A 200 -19.05 -18.55 -12.60
CA VAL A 200 -18.02 -18.64 -13.60
C VAL A 200 -17.08 -19.76 -13.18
N VAL A 201 -16.77 -20.66 -14.10
CA VAL A 201 -15.70 -21.62 -13.87
C VAL A 201 -14.48 -21.21 -14.67
N GLU A 202 -13.41 -20.85 -13.98
CA GLU A 202 -12.16 -20.59 -14.67
C GLU A 202 -11.15 -21.69 -14.36
N VAL A 203 -10.32 -22.01 -15.33
CA VAL A 203 -9.26 -22.99 -15.16
C VAL A 203 -7.92 -22.37 -15.56
N GLU A 204 -6.95 -22.41 -14.65
CA GLU A 204 -5.61 -21.96 -14.98
C GLU A 204 -4.84 -23.14 -15.54
N VAL A 205 -4.14 -22.89 -16.64
CA VAL A 205 -3.40 -23.95 -17.32
C VAL A 205 -1.90 -23.59 -17.44
N THR A 206 -1.06 -24.60 -17.59
CA THR A 206 0.37 -24.38 -17.79
C THR A 206 0.78 -24.68 -19.23
N ASN A 207 -0.11 -25.32 -19.99
CA ASN A 207 0.21 -25.68 -21.37
C ASN A 207 -0.98 -25.93 -22.29
N LEU A 208 -0.69 -26.08 -23.58
CA LEU A 208 -1.70 -26.21 -24.61
C LEU A 208 -2.57 -27.45 -24.42
N ASP A 209 -1.97 -28.57 -24.07
CA ASP A 209 -2.79 -29.76 -23.79
C ASP A 209 -3.84 -29.53 -22.67
N GLU A 210 -3.45 -28.86 -21.60
CA GLU A 210 -4.40 -28.58 -20.51
C GLU A 210 -5.52 -27.68 -21.01
N LEU A 211 -5.16 -26.66 -21.79
CA LEU A 211 -6.14 -25.77 -22.40
C LEU A 211 -7.20 -26.58 -23.15
N ASN A 212 -6.75 -27.52 -23.98
CA ASN A 212 -7.66 -28.44 -24.66
C ASN A 212 -8.61 -29.12 -23.67
N GLN A 213 -8.04 -29.66 -22.60
CA GLN A 213 -8.84 -30.27 -21.56
C GLN A 213 -9.91 -29.32 -21.01
N ALA A 214 -9.52 -28.06 -20.77
CA ALA A 214 -10.42 -27.13 -20.11
C ALA A 214 -11.54 -26.68 -21.05
N ILE A 215 -11.16 -26.44 -22.31
CA ILE A 215 -12.14 -26.20 -23.39
C ILE A 215 -13.08 -27.37 -23.52
N ALA A 216 -12.51 -28.57 -23.57
CA ALA A 216 -13.25 -29.80 -23.77
C ALA A 216 -14.23 -30.02 -22.63
N ALA A 217 -13.97 -29.37 -21.50
CA ALA A 217 -14.78 -29.53 -20.30
C ALA A 217 -15.70 -28.34 -20.15
N LYS A 218 -15.76 -27.52 -21.20
CA LYS A 218 -16.67 -26.39 -21.24
C LYS A 218 -16.42 -25.41 -20.09
N ALA A 219 -15.15 -25.08 -19.84
CA ALA A 219 -14.81 -24.01 -18.90
C ALA A 219 -15.32 -22.65 -19.42
N ASP A 220 -15.55 -21.73 -18.50
CA ASP A 220 -16.01 -20.40 -18.89
C ASP A 220 -14.89 -19.52 -19.47
N ILE A 221 -13.75 -19.52 -18.78
CA ILE A 221 -12.60 -18.75 -19.19
C ILE A 221 -11.38 -19.54 -18.74
N VAL A 222 -10.25 -19.25 -19.36
CA VAL A 222 -9.04 -20.03 -19.16
C VAL A 222 -7.88 -19.07 -18.93
N MSE A 223 -7.07 -19.34 -17.92
CA MSE A 223 -5.92 -18.50 -17.62
C MSE A 223 -4.61 -19.17 -18.05
O MSE A 223 -4.25 -20.24 -17.58
CB MSE A 223 -5.89 -18.14 -16.13
CG MSE A 223 -4.72 -17.25 -15.73
SE MSE A 223 -4.53 -16.97 -13.78
CE MSE A 223 -6.11 -15.83 -13.46
N LEU A 224 -3.88 -18.52 -18.95
CA LEU A 224 -2.62 -19.07 -19.45
C LEU A 224 -1.47 -18.61 -18.58
N ASP A 225 -0.85 -19.56 -17.89
CA ASP A 225 0.20 -19.26 -16.93
C ASP A 225 1.55 -19.38 -17.60
N ASN A 226 2.19 -18.23 -17.82
CA ASN A 226 3.55 -18.16 -18.35
C ASN A 226 3.80 -18.82 -19.71
N PHE A 227 3.01 -18.46 -20.72
CA PHE A 227 3.23 -18.99 -22.05
C PHE A 227 4.26 -18.15 -22.78
N SER A 228 4.96 -18.78 -23.71
CA SER A 228 5.72 -18.04 -24.70
C SER A 228 4.72 -17.26 -25.54
N GLY A 229 5.19 -16.22 -26.21
CA GLY A 229 4.43 -15.60 -27.26
C GLY A 229 3.86 -16.65 -28.18
N GLU A 230 4.71 -17.41 -28.85
CA GLU A 230 4.26 -18.45 -29.76
C GLU A 230 3.08 -19.29 -29.26
N ASP A 231 3.16 -19.79 -28.03
CA ASP A 231 2.12 -20.65 -27.49
C ASP A 231 0.84 -19.85 -27.22
N ILE A 232 1.01 -18.57 -26.93
CA ILE A 232 -0.13 -17.67 -26.75
C ILE A 232 -0.83 -17.53 -28.09
N ASP A 233 -0.05 -17.31 -29.14
CA ASP A 233 -0.59 -17.29 -30.50
C ASP A 233 -1.42 -18.53 -30.79
N ILE A 234 -0.83 -19.71 -30.63
CA ILE A 234 -1.55 -20.96 -30.84
C ILE A 234 -2.87 -20.98 -30.05
N ALA A 235 -2.79 -20.72 -28.75
CA ALA A 235 -3.95 -20.67 -27.87
C ALA A 235 -5.10 -19.84 -28.43
N VAL A 236 -4.82 -18.56 -28.66
CA VAL A 236 -5.76 -17.66 -29.35
C VAL A 236 -6.45 -18.35 -30.51
N SER A 237 -5.68 -18.95 -31.42
CA SER A 237 -6.23 -19.66 -32.55
C SER A 237 -7.22 -20.73 -32.08
N ILE A 238 -6.77 -21.59 -31.18
CA ILE A 238 -7.60 -22.65 -30.65
C ILE A 238 -8.88 -22.11 -30.04
N ALA A 239 -8.77 -21.03 -29.27
CA ALA A 239 -9.89 -20.63 -28.42
C ALA A 239 -10.93 -19.71 -29.07
N ARG A 240 -10.59 -19.09 -30.20
CA ARG A 240 -11.55 -18.27 -30.94
C ARG A 240 -12.95 -18.92 -31.05
N GLY A 241 -13.92 -18.31 -30.38
CA GLY A 241 -15.30 -18.75 -30.41
C GLY A 241 -15.62 -19.84 -29.43
N LYS A 242 -14.66 -20.17 -28.56
CA LYS A 242 -14.83 -21.27 -27.62
C LYS A 242 -14.79 -20.77 -26.20
N VAL A 243 -13.59 -20.45 -25.72
CA VAL A 243 -13.46 -19.85 -24.40
C VAL A 243 -12.71 -18.54 -24.48
N ALA A 244 -13.08 -17.64 -23.58
CA ALA A 244 -12.32 -16.42 -23.33
C ALA A 244 -10.94 -16.77 -22.79
N LEU A 245 -9.93 -16.01 -23.20
CA LEU A 245 -8.58 -16.25 -22.70
C LEU A 245 -8.07 -15.08 -21.86
N GLU A 246 -7.32 -15.42 -20.82
CA GLU A 246 -6.69 -14.45 -19.92
C GLU A 246 -5.23 -14.86 -19.73
N VAL A 247 -4.30 -13.93 -19.95
CA VAL A 247 -2.88 -14.25 -19.81
C VAL A 247 -2.23 -13.72 -18.54
N SER A 248 -1.82 -14.64 -17.66
CA SER A 248 -1.07 -14.28 -16.46
C SER A 248 0.38 -14.73 -16.62
N GLY A 249 1.32 -13.83 -16.34
CA GLY A 249 2.73 -14.17 -16.38
C GLY A 249 3.64 -13.06 -15.88
N ASN A 250 3.36 -12.56 -14.67
CA ASN A 250 4.13 -11.45 -14.10
C ASN A 250 4.32 -10.31 -15.09
N ILE A 251 3.22 -9.76 -15.57
CA ILE A 251 3.22 -8.75 -16.63
C ILE A 251 3.40 -7.33 -16.10
N ASP A 252 4.30 -6.56 -16.73
CA ASP A 252 4.41 -5.13 -16.43
C ASP A 252 4.37 -4.25 -17.69
N ARG A 253 4.57 -2.95 -17.50
CA ARG A 253 4.48 -2.00 -18.59
C ARG A 253 5.44 -2.37 -19.70
N ASN A 254 6.49 -3.10 -19.33
CA ASN A 254 7.52 -3.48 -20.27
C ASN A 254 7.24 -4.74 -21.10
N SER A 255 6.18 -5.47 -20.79
CA SER A 255 5.93 -6.72 -21.50
C SER A 255 4.50 -6.85 -22.00
N ILE A 256 3.63 -5.97 -21.51
CA ILE A 256 2.21 -5.99 -21.85
C ILE A 256 1.90 -5.81 -23.35
N VAL A 257 2.64 -4.95 -24.02
CA VAL A 257 2.41 -4.67 -25.43
C VAL A 257 2.65 -5.91 -26.29
N ALA A 258 3.76 -6.60 -26.01
CA ALA A 258 4.08 -7.81 -26.76
C ALA A 258 2.95 -8.82 -26.63
N ILE A 259 2.36 -8.91 -25.44
CA ILE A 259 1.27 -9.86 -25.19
C ILE A 259 -0.04 -9.41 -25.80
N ALA A 260 -0.29 -8.10 -25.78
CA ALA A 260 -1.50 -7.55 -26.39
C ALA A 260 -1.54 -7.74 -27.91
N LYS A 261 -0.37 -7.65 -28.54
CA LYS A 261 -0.28 -7.82 -29.98
C LYS A 261 -0.80 -9.19 -30.42
N THR A 262 -0.89 -10.13 -29.47
CA THR A 262 -1.31 -11.49 -29.78
C THR A 262 -2.82 -11.59 -30.03
N GLY A 263 -3.57 -10.68 -29.41
CA GLY A 263 -5.01 -10.61 -29.61
C GLY A 263 -5.83 -11.32 -28.55
N VAL A 264 -5.15 -11.87 -27.55
CA VAL A 264 -5.87 -12.48 -26.46
C VAL A 264 -6.84 -11.48 -25.82
N ASP A 265 -7.97 -12.00 -25.34
CA ASP A 265 -9.05 -11.19 -24.82
C ASP A 265 -8.65 -10.34 -23.62
N PHE A 266 -8.05 -10.98 -22.62
CA PHE A 266 -7.74 -10.33 -21.35
C PHE A 266 -6.29 -10.52 -20.91
N ILE A 267 -5.73 -9.54 -20.23
CA ILE A 267 -4.40 -9.69 -19.61
C ILE A 267 -4.48 -9.53 -18.09
N SER A 268 -4.01 -10.53 -17.35
CA SER A 268 -3.97 -10.52 -15.89
C SER A 268 -2.74 -9.83 -15.29
N VAL A 269 -2.94 -8.77 -14.55
CA VAL A 269 -1.82 -8.02 -13.98
C VAL A 269 -1.97 -7.79 -12.48
N GLY A 270 -1.09 -8.40 -11.70
CA GLY A 270 -1.12 -8.20 -10.26
C GLY A 270 -0.39 -6.93 -9.88
N ALA A 271 0.50 -6.50 -10.76
CA ALA A 271 1.32 -5.30 -10.54
C ALA A 271 0.48 -4.08 -10.29
N ILE A 272 -0.70 -4.03 -10.88
CA ILE A 272 -1.50 -2.82 -10.76
C ILE A 272 -2.00 -2.57 -9.34
N THR A 273 -2.09 -3.63 -8.52
CA THR A 273 -2.55 -3.52 -7.14
C THR A 273 -1.53 -3.95 -6.05
N LYS A 274 -0.66 -4.91 -6.34
CA LYS A 274 0.33 -5.33 -5.32
C LYS A 274 1.44 -4.30 -5.12
N HIS A 275 1.67 -3.47 -6.13
CA HIS A 275 2.61 -2.38 -5.98
C HIS A 275 1.81 -1.11 -5.77
N ILE A 276 2.44 -0.08 -5.21
CA ILE A 276 1.77 1.18 -5.00
C ILE A 276 2.74 2.28 -5.39
N LYS A 277 2.36 3.08 -6.39
CA LYS A 277 3.09 4.29 -6.71
C LYS A 277 2.21 5.46 -6.32
N ALA A 278 2.49 6.06 -5.15
CA ALA A 278 1.66 7.15 -4.66
C ALA A 278 1.79 8.44 -5.46
N ILE A 279 0.65 8.96 -5.88
CA ILE A 279 0.62 10.27 -6.49
C ILE A 279 1.14 11.30 -5.48
N ASP A 280 1.92 12.28 -5.96
CA ASP A 280 2.38 13.34 -5.10
C ASP A 280 1.33 14.45 -4.91
N LEU A 281 0.99 14.72 -3.66
CA LEU A 281 -0.07 15.68 -3.35
C LEU A 281 0.41 16.68 -2.33
N SER A 282 -0.29 17.80 -2.25
CA SER A 282 -0.06 18.76 -1.20
C SER A 282 -1.34 19.51 -0.86
N LEU A 283 -1.54 19.78 0.43
CA LEU A 283 -2.66 20.58 0.87
C LEU A 283 -2.16 21.97 1.27
N GLN A 284 -2.48 22.97 0.46
CA GLN A 284 -2.06 24.33 0.78
C GLN A 284 -3.14 24.96 1.65
N VAL A 285 -2.80 25.17 2.92
CA VAL A 285 -3.76 25.72 3.87
C VAL A 285 -3.64 27.22 3.90
N GLN A 286 -4.76 27.89 3.63
CA GLN A 286 -4.79 29.33 3.53
C GLN A 286 -4.83 29.74 2.06
N ASN B 7 14.30 11.85 20.51
CA ASN B 7 14.22 10.40 20.29
C ASN B 7 12.87 9.77 20.70
N THR B 8 12.24 9.16 19.69
CA THR B 8 10.88 8.64 19.78
C THR B 8 10.84 7.17 20.20
N ASP B 9 9.65 6.72 20.61
CA ASP B 9 9.32 5.32 20.75
C ASP B 9 9.54 4.54 19.46
N GLN B 10 10.22 3.40 19.55
CA GLN B 10 10.45 2.56 18.38
C GLN B 10 9.53 1.33 18.32
N ILE B 11 8.88 1.13 17.17
CA ILE B 11 7.94 0.03 17.00
C ILE B 11 8.64 -1.28 16.69
N ASN B 12 9.00 -2.01 17.73
CA ASN B 12 9.70 -3.28 17.58
C ASN B 12 8.77 -4.49 17.64
N LYS B 13 7.48 -4.22 17.69
CA LYS B 13 6.45 -5.24 17.53
C LYS B 13 5.12 -4.54 17.32
N VAL B 14 4.27 -5.11 16.47
CA VAL B 14 2.93 -4.58 16.26
C VAL B 14 1.99 -5.19 17.27
N PRO B 15 1.16 -4.35 17.92
CA PRO B 15 0.33 -4.92 18.99
C PRO B 15 -0.59 -6.00 18.44
N ASN B 16 -0.80 -7.04 19.23
CA ASN B 16 -1.60 -8.18 18.81
C ASN B 16 -2.98 -7.82 18.33
N ASP B 17 -3.67 -6.97 19.08
CA ASP B 17 -5.04 -6.58 18.71
C ASP B 17 -5.11 -5.95 17.33
N ILE B 18 -4.07 -5.23 16.94
CA ILE B 18 -3.97 -4.65 15.61
C ILE B 18 -3.63 -5.71 14.54
N VAL B 19 -2.78 -6.66 14.87
CA VAL B 19 -2.50 -7.74 13.94
C VAL B 19 -3.77 -8.56 13.72
N THR B 20 -4.47 -8.85 14.81
CA THR B 20 -5.69 -9.63 14.75
C THR B 20 -6.74 -8.98 13.85
N ARG B 21 -7.06 -7.72 14.13
CA ARG B 21 -8.14 -7.04 13.42
C ARG B 21 -7.86 -6.90 11.93
N LEU B 22 -6.61 -6.62 11.60
CA LEU B 22 -6.18 -6.50 10.23
C LEU B 22 -6.28 -7.83 9.46
N VAL B 23 -5.99 -8.93 10.16
CA VAL B 23 -6.08 -10.24 9.54
C VAL B 23 -7.54 -10.59 9.32
N ARG B 24 -8.30 -10.57 10.41
CA ARG B 24 -9.75 -10.75 10.39
C ARG B 24 -10.45 -10.08 9.18
N GLU B 25 -10.35 -8.75 9.10
CA GLU B 25 -10.91 -7.99 7.99
C GLU B 25 -10.39 -8.42 6.60
N SER B 26 -9.12 -8.82 6.54
CA SER B 26 -8.49 -9.35 5.32
C SER B 26 -9.08 -10.67 4.86
N LEU B 27 -9.41 -11.52 5.82
CA LEU B 27 -9.90 -12.85 5.53
C LEU B 27 -11.33 -12.73 5.02
N ALA B 28 -12.08 -11.88 5.71
CA ALA B 28 -13.48 -11.63 5.37
C ALA B 28 -13.62 -11.13 3.94
N GLU B 29 -13.01 -9.99 3.62
CA GLU B 29 -13.13 -9.37 2.33
C GLU B 29 -12.84 -10.38 1.23
N ASP B 30 -12.05 -11.41 1.55
CA ASP B 30 -11.62 -12.33 0.52
C ASP B 30 -12.48 -13.61 0.51
N ILE B 31 -12.91 -14.03 1.70
CA ILE B 31 -13.53 -15.36 1.86
C ILE B 31 -15.06 -15.34 1.93
N ALA B 32 -15.59 -14.34 2.63
CA ALA B 32 -17.03 -14.25 2.78
C ALA B 32 -17.59 -15.64 3.14
N THR B 33 -18.57 -16.11 2.39
CA THR B 33 -19.29 -17.33 2.76
C THR B 33 -18.47 -18.60 2.62
N GLY B 34 -17.39 -18.54 1.84
CA GLY B 34 -16.50 -19.69 1.76
C GLY B 34 -15.77 -19.82 0.45
N ASP B 35 -14.53 -20.28 0.54
CA ASP B 35 -13.71 -20.59 -0.62
C ASP B 35 -14.37 -21.73 -1.40
N ILE B 36 -15.06 -21.39 -2.49
CA ILE B 36 -15.82 -22.42 -3.19
C ILE B 36 -14.97 -23.40 -3.96
N THR B 37 -13.80 -22.95 -4.44
CA THR B 37 -12.93 -23.79 -5.25
C THR B 37 -12.12 -24.74 -4.39
N ALA B 38 -11.85 -24.34 -3.15
CA ALA B 38 -11.18 -25.20 -2.20
C ALA B 38 -11.98 -26.48 -1.96
N GLN B 39 -13.28 -26.39 -2.16
CA GLN B 39 -14.19 -27.51 -1.91
C GLN B 39 -13.97 -28.63 -2.90
N LEU B 40 -13.20 -28.34 -3.95
CA LEU B 40 -12.91 -29.32 -4.98
C LEU B 40 -11.65 -30.11 -4.66
N ALA B 41 -10.96 -29.76 -3.58
CA ALA B 41 -9.71 -30.45 -3.22
C ALA B 41 -9.95 -31.57 -2.21
N GLU B 42 -9.12 -32.61 -2.26
CA GLU B 42 -9.23 -33.70 -1.30
C GLU B 42 -9.17 -33.09 0.09
N ASP B 43 -9.99 -33.60 1.01
CA ASP B 43 -10.04 -33.09 2.37
C ASP B 43 -9.02 -33.85 3.24
N ILE B 44 -7.75 -33.60 2.98
CA ILE B 44 -6.67 -34.34 3.62
C ILE B 44 -5.54 -33.42 4.10
N ASP B 45 -4.56 -33.99 4.76
CA ASP B 45 -3.38 -33.22 5.14
C ASP B 45 -2.37 -33.25 4.01
N THR B 46 -1.57 -32.19 3.93
CA THR B 46 -0.42 -32.19 3.06
C THR B 46 0.65 -31.26 3.59
N THR B 47 1.48 -30.77 2.68
CA THR B 47 2.69 -30.08 3.05
C THR B 47 2.84 -28.92 2.07
N ALA B 48 3.64 -27.92 2.43
CA ALA B 48 3.88 -26.81 1.53
C ALA B 48 5.04 -25.95 2.00
N PHE B 49 5.45 -25.00 1.17
CA PHE B 49 6.53 -24.11 1.56
C PHE B 49 6.51 -22.85 0.72
N CYS B 50 7.06 -21.78 1.26
CA CYS B 50 7.00 -20.48 0.62
C CYS B 50 8.39 -19.98 0.20
N ILE B 51 8.54 -19.57 -1.05
CA ILE B 51 9.81 -19.00 -1.48
C ILE B 51 9.72 -17.54 -1.81
N THR B 52 10.83 -16.83 -1.65
CA THR B 52 11.04 -15.57 -2.33
C THR B 52 11.62 -15.87 -3.70
N ARG B 53 11.37 -15.00 -4.67
CA ARG B 53 12.05 -15.14 -5.94
C ARG B 53 13.16 -14.08 -6.01
N GLU B 54 13.34 -13.33 -4.92
CA GLU B 54 14.29 -12.23 -4.93
C GLU B 54 14.78 -11.94 -3.53
N GLU B 55 15.95 -11.33 -3.42
CA GLU B 55 16.51 -11.01 -2.11
C GLU B 55 15.59 -10.03 -1.41
N MSE B 56 15.49 -10.15 -0.09
CA MSE B 56 14.48 -9.40 0.62
C MSE B 56 14.72 -9.36 2.11
O MSE B 56 15.40 -10.24 2.65
CB MSE B 56 13.11 -10.01 0.35
CG MSE B 56 13.01 -11.46 0.80
SE MSE B 56 11.77 -11.71 2.29
CE MSE B 56 10.08 -11.69 1.32
N ILE B 57 14.18 -8.33 2.75
CA ILE B 57 14.11 -8.26 4.21
C ILE B 57 12.73 -8.71 4.66
N LEU B 58 12.68 -9.86 5.30
CA LEU B 58 11.43 -10.43 5.78
C LEU B 58 10.75 -9.59 6.83
N CYS B 59 9.44 -9.46 6.67
CA CYS B 59 8.56 -8.82 7.64
C CYS B 59 7.15 -9.36 7.44
N GLY B 60 6.49 -9.77 8.53
CA GLY B 60 5.17 -10.33 8.41
C GLY B 60 4.87 -11.62 9.14
N GLN B 61 5.89 -12.24 9.74
CA GLN B 61 5.69 -13.42 10.60
C GLN B 61 4.39 -13.38 11.41
N ASP B 62 4.27 -12.37 12.27
CA ASP B 62 3.08 -12.21 13.12
C ASP B 62 1.74 -12.28 12.40
N PHE B 63 1.64 -11.61 11.26
CA PHE B 63 0.41 -11.66 10.48
C PHE B 63 0.13 -13.05 9.91
N ALA B 64 1.09 -13.57 9.16
CA ALA B 64 0.98 -14.92 8.63
C ALA B 64 0.54 -15.88 9.73
N ASN B 65 1.26 -15.86 10.85
CA ASN B 65 0.89 -16.64 12.02
C ASN B 65 -0.58 -16.43 12.40
N GLU B 66 -1.03 -15.17 12.35
CA GLU B 66 -2.36 -14.84 12.81
C GLU B 66 -3.40 -15.33 11.82
N VAL B 67 -3.07 -15.29 10.53
CA VAL B 67 -3.92 -15.89 9.49
C VAL B 67 -4.11 -17.38 9.77
N ILE B 68 -3.01 -18.13 9.89
CA ILE B 68 -3.10 -19.54 10.25
C ILE B 68 -4.03 -19.75 11.44
N ASN B 69 -3.69 -19.06 12.54
CA ASN B 69 -4.41 -19.15 13.79
C ASN B 69 -5.92 -18.95 13.65
N GLN B 70 -6.30 -17.98 12.83
CA GLN B 70 -7.72 -17.66 12.63
C GLN B 70 -8.44 -18.65 11.71
N LEU B 71 -7.73 -19.23 10.76
CA LEU B 71 -8.36 -20.17 9.83
C LEU B 71 -8.43 -21.62 10.33
N ASP B 72 -7.33 -22.11 10.87
CA ASP B 72 -7.20 -23.50 11.20
C ASP B 72 -5.96 -23.67 12.09
N LYS B 73 -6.15 -23.66 13.40
CA LYS B 73 -5.03 -23.81 14.33
C LYS B 73 -4.25 -25.10 14.09
N ASN B 74 -4.85 -26.03 13.32
CA ASN B 74 -4.21 -27.30 13.00
C ASN B 74 -3.01 -27.18 12.07
N ILE B 75 -2.97 -26.14 11.24
CA ILE B 75 -1.81 -25.91 10.37
C ILE B 75 -0.57 -25.63 11.19
N GLN B 76 0.47 -26.43 11.00
CA GLN B 76 1.73 -26.20 11.69
C GLN B 76 2.69 -25.42 10.82
N ILE B 77 3.29 -24.38 11.38
CA ILE B 77 4.23 -23.55 10.63
C ILE B 77 5.64 -23.62 11.23
N THR B 78 6.64 -23.75 10.36
CA THR B 78 8.02 -23.61 10.79
C THR B 78 8.71 -22.54 9.98
N TRP B 79 9.26 -21.58 10.70
CA TRP B 79 9.95 -20.46 10.09
C TRP B 79 11.45 -20.72 9.91
N LEU B 80 11.92 -20.57 8.69
CA LEU B 80 13.34 -20.75 8.39
C LEU B 80 14.08 -19.42 8.48
N TYR B 81 13.33 -18.32 8.37
CA TYR B 81 13.85 -16.99 8.59
C TYR B 81 12.88 -16.26 9.49
N SER B 82 13.39 -15.31 10.25
CA SER B 82 12.55 -14.47 11.11
C SER B 82 12.49 -13.04 10.59
N ASP B 83 11.52 -12.29 11.09
CA ASP B 83 11.36 -10.88 10.73
C ASP B 83 12.62 -10.08 11.00
N ALA B 84 13.10 -9.39 9.97
CA ALA B 84 14.19 -8.41 10.07
C ALA B 84 15.51 -9.01 9.63
N GLN B 85 15.39 -10.16 8.98
CA GLN B 85 16.50 -10.88 8.39
C GLN B 85 16.58 -10.67 6.90
N LYS B 86 17.79 -10.72 6.38
CA LYS B 86 17.99 -10.66 4.95
C LYS B 86 17.86 -12.07 4.41
N VAL B 87 16.81 -12.30 3.64
CA VAL B 87 16.55 -13.59 3.01
C VAL B 87 17.08 -13.60 1.59
N PRO B 88 17.90 -14.60 1.26
CA PRO B 88 18.49 -14.68 -0.08
C PRO B 88 17.46 -15.07 -1.09
N ALA B 89 17.58 -14.54 -2.31
CA ALA B 89 16.72 -14.95 -3.41
C ALA B 89 16.61 -16.47 -3.52
N ASN B 90 15.39 -16.95 -3.66
CA ASN B 90 15.09 -18.36 -3.90
C ASN B 90 15.16 -19.25 -2.68
N ALA B 91 15.15 -18.64 -1.50
CA ALA B 91 15.20 -19.38 -0.25
C ALA B 91 13.80 -19.59 0.29
N ARG B 92 13.65 -20.66 1.08
CA ARG B 92 12.37 -20.99 1.70
C ARG B 92 12.26 -20.22 3.00
N ILE B 93 11.19 -19.44 3.17
CA ILE B 93 11.04 -18.68 4.40
C ILE B 93 10.28 -19.44 5.49
N PHE B 94 9.30 -20.24 5.09
CA PHE B 94 8.60 -21.05 6.08
C PHE B 94 8.06 -22.30 5.44
N GLU B 95 7.69 -23.26 6.28
CA GLU B 95 7.11 -24.51 5.79
C GLU B 95 5.78 -24.77 6.48
N LEU B 96 4.88 -25.40 5.74
CA LEU B 96 3.56 -25.66 6.26
C LEU B 96 3.31 -27.16 6.23
N LYS B 97 2.59 -27.62 7.25
CA LYS B 97 2.05 -28.96 7.26
C LYS B 97 0.60 -28.83 7.73
N GLY B 98 -0.34 -29.32 6.93
CA GLY B 98 -1.72 -29.26 7.35
C GLY B 98 -2.72 -29.58 6.28
N ASN B 99 -3.95 -29.12 6.48
CA ASN B 99 -5.05 -29.41 5.57
C ASN B 99 -4.97 -28.64 4.25
N VAL B 100 -5.15 -29.36 3.14
CA VAL B 100 -5.08 -28.78 1.80
C VAL B 100 -5.99 -27.57 1.60
N ARG B 101 -7.23 -27.68 2.06
CA ARG B 101 -8.24 -26.67 1.83
C ARG B 101 -7.93 -25.42 2.62
N SER B 102 -7.64 -25.62 3.89
CA SER B 102 -7.22 -24.53 4.77
C SER B 102 -6.04 -23.81 4.14
N ILE B 103 -5.01 -24.58 3.79
CA ILE B 103 -3.79 -24.03 3.22
C ILE B 103 -4.06 -23.24 1.94
N LEU B 104 -4.86 -23.82 1.04
CA LEU B 104 -5.15 -23.16 -0.23
C LEU B 104 -5.91 -21.86 0.00
N THR B 105 -6.58 -21.81 1.14
CA THR B 105 -7.39 -20.65 1.49
C THR B 105 -6.55 -19.61 2.22
N ALA B 106 -5.72 -20.08 3.14
CA ALA B 106 -4.82 -19.19 3.86
C ALA B 106 -3.89 -18.43 2.90
N GLU B 107 -3.57 -19.09 1.80
CA GLU B 107 -2.48 -18.70 0.91
C GLU B 107 -2.36 -17.21 0.58
N ARG B 108 -3.29 -16.73 -0.24
CA ARG B 108 -3.25 -15.39 -0.80
C ARG B 108 -3.11 -14.32 0.31
N THR B 109 -3.94 -14.43 1.34
CA THR B 109 -3.88 -13.52 2.48
C THR B 109 -2.50 -13.55 3.12
N ILE B 110 -1.97 -14.73 3.44
CA ILE B 110 -0.64 -14.81 4.02
C ILE B 110 0.39 -14.04 3.19
N LEU B 111 0.50 -14.39 1.92
CA LEU B 111 1.58 -13.78 1.17
C LEU B 111 1.29 -12.33 0.76
N ASN B 112 0.03 -11.91 0.82
CA ASN B 112 -0.28 -10.49 0.67
C ASN B 112 0.25 -9.64 1.82
N PHE B 113 0.38 -10.22 3.00
CA PHE B 113 0.99 -9.50 4.10
C PHE B 113 2.52 -9.48 4.03
N ILE B 114 3.11 -10.63 3.69
CA ILE B 114 4.56 -10.69 3.59
C ILE B 114 5.02 -9.82 2.43
N GLN B 115 4.38 -9.97 1.27
CA GLN B 115 4.71 -9.17 0.08
C GLN B 115 4.89 -7.72 0.43
N MSE B 116 3.91 -7.24 1.16
CA MSE B 116 3.76 -5.83 1.41
C MSE B 116 4.80 -5.36 2.42
O MSE B 116 5.63 -4.50 2.12
CB MSE B 116 2.37 -5.57 1.94
CG MSE B 116 2.04 -4.11 2.05
SE MSE B 116 0.60 -3.84 3.31
CE MSE B 116 0.82 -1.94 3.58
N LEU B 117 4.75 -5.96 3.60
CA LEU B 117 5.61 -5.53 4.71
C LEU B 117 7.07 -5.80 4.41
N SER B 118 7.35 -6.92 3.77
CA SER B 118 8.73 -7.22 3.40
C SER B 118 9.12 -6.22 2.34
N GLY B 119 8.14 -5.80 1.54
CA GLY B 119 8.38 -4.78 0.56
C GLY B 119 8.88 -3.54 1.25
N THR B 120 8.06 -3.02 2.15
CA THR B 120 8.43 -1.86 2.94
C THR B 120 9.78 -2.02 3.62
N ALA B 121 10.03 -3.18 4.23
CA ALA B 121 11.31 -3.36 4.93
C ALA B 121 12.48 -3.32 3.96
N THR B 122 12.31 -3.99 2.82
CA THR B 122 13.34 -4.04 1.78
C THR B 122 13.67 -2.67 1.16
N VAL B 123 12.67 -1.81 0.98
CA VAL B 123 12.94 -0.45 0.51
C VAL B 123 13.85 0.25 1.51
N THR B 124 13.49 0.12 2.78
CA THR B 124 14.19 0.81 3.82
C THR B 124 15.64 0.34 3.78
N ASN B 125 15.83 -0.97 3.95
CA ASN B 125 17.16 -1.47 3.91
C ASN B 125 18.02 -0.95 2.74
N LYS B 126 17.48 -0.93 1.53
CA LYS B 126 18.24 -0.35 0.43
C LYS B 126 18.81 1.02 0.83
N LEU B 127 17.94 1.98 1.12
CA LEU B 127 18.39 3.31 1.51
C LEU B 127 19.43 3.25 2.61
N VAL B 128 19.21 2.38 3.60
CA VAL B 128 20.14 2.26 4.70
C VAL B 128 21.53 1.81 4.23
N LYS B 129 21.59 0.75 3.44
CA LYS B 129 22.89 0.35 2.93
C LYS B 129 23.52 1.49 2.11
N LEU B 130 22.69 2.29 1.46
CA LEU B 130 23.23 3.40 0.66
C LEU B 130 23.99 4.41 1.51
N ILE B 131 23.63 4.50 2.79
CA ILE B 131 24.19 5.54 3.65
C ILE B 131 24.91 4.95 4.84
N SER B 132 25.37 3.71 4.68
CA SER B 132 25.99 2.97 5.77
C SER B 132 27.37 3.51 6.15
N GLN B 133 28.00 4.20 5.21
CA GLN B 133 29.31 4.80 5.44
C GLN B 133 29.24 6.15 6.19
N TYR B 134 28.06 6.75 6.26
CA TYR B 134 27.93 8.06 6.89
C TYR B 134 27.30 7.89 8.25
N LYS B 135 27.28 8.93 9.06
CA LYS B 135 26.70 8.83 10.40
C LYS B 135 25.19 9.05 10.42
N THR B 136 24.67 9.60 9.34
CA THR B 136 23.25 9.87 9.18
C THR B 136 22.35 8.65 9.42
N LYS B 137 21.16 8.88 10.01
CA LYS B 137 20.15 7.84 10.16
C LYS B 137 18.87 8.15 9.35
N LEU B 138 18.10 7.10 9.07
CA LEU B 138 16.84 7.19 8.31
C LEU B 138 15.60 7.34 9.22
N LEU B 139 14.80 8.36 8.95
CA LEU B 139 13.54 8.49 9.67
C LEU B 139 12.36 8.32 8.73
N ASP B 140 11.30 7.70 9.22
CA ASP B 140 10.07 7.59 8.45
C ASP B 140 9.16 8.79 8.72
N THR B 141 7.88 8.68 8.35
CA THR B 141 6.94 9.82 8.36
C THR B 141 5.56 9.29 8.62
N ARG B 142 4.56 10.15 8.42
CA ARG B 142 3.17 9.70 8.52
C ARG B 142 2.58 9.33 7.14
N LYS B 143 3.40 9.39 6.10
CA LYS B 143 2.93 9.03 4.75
C LYS B 143 2.85 7.51 4.63
N THR B 144 1.74 7.00 5.17
CA THR B 144 1.54 5.61 5.44
C THR B 144 0.28 5.09 4.71
N ILE B 145 0.18 3.78 4.48
CA ILE B 145 -1.08 3.19 4.02
C ILE B 145 -2.10 3.14 5.14
N PRO B 146 -3.28 3.73 4.93
CA PRO B 146 -4.22 3.81 6.04
C PRO B 146 -4.44 2.46 6.71
N GLY B 147 -4.43 2.46 8.04
CA GLY B 147 -4.68 1.27 8.83
C GLY B 147 -3.40 0.49 9.09
N PHE B 148 -2.32 0.92 8.46
CA PHE B 148 -1.05 0.22 8.51
C PHE B 148 0.02 1.13 9.04
N ARG B 149 -0.38 2.05 9.93
CA ARG B 149 0.57 2.97 10.54
C ARG B 149 1.64 2.21 11.31
N LEU B 150 1.21 1.44 12.29
CA LEU B 150 2.13 0.68 13.12
C LEU B 150 2.83 -0.44 12.34
N ALA B 151 2.06 -1.13 11.51
CA ALA B 151 2.58 -2.20 10.67
C ALA B 151 3.76 -1.71 9.84
N GLN B 152 3.64 -0.52 9.24
CA GLN B 152 4.73 0.07 8.46
C GLN B 152 5.90 0.66 9.30
N LYS B 153 5.59 1.20 10.48
CA LYS B 153 6.64 1.65 11.38
C LYS B 153 7.51 0.44 11.76
N TYR B 154 6.84 -0.69 12.00
CA TYR B 154 7.52 -1.93 12.28
C TYR B 154 8.39 -2.38 11.09
N ALA B 155 7.82 -2.39 9.89
CA ALA B 155 8.57 -2.78 8.72
C ALA B 155 9.82 -1.92 8.58
N VAL B 156 9.65 -0.62 8.80
CA VAL B 156 10.76 0.29 8.60
C VAL B 156 11.87 -0.03 9.61
N ARG B 157 11.50 -0.24 10.86
CA ARG B 157 12.46 -0.71 11.84
C ARG B 157 13.09 -2.01 11.38
N CYS B 158 12.27 -2.96 10.93
CA CYS B 158 12.77 -4.25 10.45
C CYS B 158 13.88 -4.10 9.40
N GLY B 159 13.85 -3.00 8.66
CA GLY B 159 14.77 -2.79 7.56
C GLY B 159 15.98 -1.93 7.86
N GLY B 160 16.04 -1.35 9.05
CA GLY B 160 17.21 -0.56 9.41
C GLY B 160 16.86 0.87 9.79
N GLY B 161 15.63 1.25 9.47
CA GLY B 161 15.19 2.61 9.69
C GLY B 161 14.64 2.82 11.08
N PHE B 162 14.71 4.06 11.57
CA PHE B 162 14.14 4.39 12.86
C PHE B 162 12.89 5.27 12.72
N ASN B 163 12.05 5.23 13.76
CA ASN B 163 10.74 5.83 13.74
C ASN B 163 10.71 7.30 14.14
N HIS B 164 10.38 8.17 13.19
CA HIS B 164 9.91 9.52 13.48
C HIS B 164 8.62 9.33 14.28
N ARG B 165 7.98 10.41 14.71
CA ARG B 165 6.84 10.27 15.61
C ARG B 165 5.79 9.31 15.04
N ILE B 166 5.12 8.55 15.91
CA ILE B 166 4.05 7.69 15.43
C ILE B 166 2.87 8.46 14.85
N GLY B 167 2.50 9.59 15.46
CA GLY B 167 1.31 10.30 15.04
C GLY B 167 1.17 11.76 15.44
N LEU B 168 -0.06 12.18 15.74
CA LEU B 168 -0.29 13.58 16.12
C LEU B 168 -0.25 13.76 17.64
N PHE B 169 -0.10 12.66 18.37
CA PHE B 169 -0.21 12.69 19.82
C PHE B 169 1.13 12.55 20.59
N ASP B 170 2.03 11.71 20.10
CA ASP B 170 3.26 11.43 20.85
C ASP B 170 4.35 12.51 20.72
N ALA B 171 4.19 13.43 19.76
CA ALA B 171 5.24 14.40 19.53
C ALA B 171 4.72 15.65 18.84
N TYR B 172 5.47 16.75 18.98
CA TYR B 172 5.06 18.04 18.45
C TYR B 172 5.73 18.26 17.12
N LEU B 173 4.99 18.75 16.13
CA LEU B 173 5.61 19.10 14.84
C LEU B 173 5.08 20.43 14.35
N ILE B 174 5.86 21.47 14.59
CA ILE B 174 5.42 22.84 14.31
C ILE B 174 5.83 23.27 12.92
N LYS B 175 4.82 23.57 12.09
CA LYS B 175 4.98 23.89 10.66
C LYS B 175 4.67 25.36 10.33
N GLU B 176 4.89 25.72 9.06
CA GLU B 176 4.54 27.05 8.53
C GLU B 176 3.14 27.41 9.02
N ASN B 177 2.19 26.53 8.68
CA ASN B 177 0.79 26.71 9.07
C ASN B 177 0.65 27.02 10.56
N HIS B 178 1.44 26.36 11.42
CA HIS B 178 1.36 26.58 12.87
C HIS B 178 2.10 27.84 13.28
N ILE B 179 3.26 28.06 12.66
CA ILE B 179 4.08 29.23 12.93
C ILE B 179 3.34 30.50 12.56
N ARG B 180 2.65 30.45 11.42
CA ARG B 180 1.82 31.57 10.99
C ARG B 180 0.78 31.98 12.05
N SER B 181 0.10 30.98 12.60
CA SER B 181 -0.95 31.21 13.61
C SER B 181 -0.42 31.39 15.01
N ALA B 182 -1.19 32.09 15.83
CA ALA B 182 -0.80 32.36 17.22
C ALA B 182 0.65 32.85 17.30
N GLY B 183 1.07 33.61 16.30
CA GLY B 183 2.41 34.17 16.29
C GLY B 183 3.39 33.16 15.76
N GLY B 184 4.65 33.55 15.62
CA GLY B 184 5.65 32.71 14.98
C GLY B 184 6.27 31.60 15.82
N ILE B 185 7.59 31.45 15.73
CA ILE B 185 8.29 30.30 16.27
C ILE B 185 8.46 30.30 17.79
N ALA B 186 9.09 31.34 18.33
CA ALA B 186 9.28 31.44 19.79
C ALA B 186 7.96 31.23 20.53
N LYS B 187 6.88 31.83 20.01
CA LYS B 187 5.59 31.68 20.65
C LYS B 187 5.19 30.23 20.63
N ALA B 188 5.22 29.65 19.44
CA ALA B 188 4.76 28.29 19.18
C ALA B 188 5.42 27.25 20.10
N VAL B 189 6.74 27.24 20.10
CA VAL B 189 7.50 26.34 20.98
C VAL B 189 7.13 26.58 22.47
N THR B 190 7.19 27.83 22.90
CA THR B 190 6.83 28.18 24.25
C THR B 190 5.44 27.68 24.68
N LYS B 191 4.41 28.00 23.88
CA LYS B 191 3.10 27.44 24.15
C LYS B 191 3.20 25.90 24.23
N ALA B 192 3.94 25.31 23.29
CA ALA B 192 4.01 23.86 23.22
C ALA B 192 4.64 23.18 24.45
N LYS B 193 5.62 23.83 25.07
CA LYS B 193 6.23 23.30 26.30
C LYS B 193 5.26 23.48 27.46
N LYS B 194 4.56 24.62 27.45
CA LYS B 194 3.59 24.96 28.49
C LYS B 194 2.49 23.88 28.64
N LEU B 195 2.00 23.39 27.51
CA LEU B 195 0.97 22.36 27.51
C LEU B 195 1.48 21.04 28.09
N ASP B 196 2.45 20.43 27.43
CA ASP B 196 3.08 19.23 27.97
C ASP B 196 4.59 19.40 27.84
N SER B 197 5.31 19.33 28.95
CA SER B 197 6.75 19.55 28.93
C SER B 197 7.50 18.26 28.57
N ASN B 198 6.79 17.14 28.54
CA ASN B 198 7.40 15.85 28.31
C ASN B 198 7.52 15.47 26.84
N LYS B 199 6.94 16.28 25.96
CA LYS B 199 6.88 15.95 24.55
C LYS B 199 8.07 16.53 23.79
N VAL B 200 8.49 15.79 22.76
CA VAL B 200 9.49 16.27 21.84
C VAL B 200 8.91 17.40 21.00
N VAL B 201 9.57 18.56 21.02
CA VAL B 201 9.15 19.66 20.16
C VAL B 201 10.02 19.75 18.91
N GLU B 202 9.38 19.59 17.75
CA GLU B 202 10.08 19.74 16.48
C GLU B 202 9.44 20.89 15.70
N VAL B 203 10.29 21.63 15.00
CA VAL B 203 9.84 22.72 14.17
C VAL B 203 10.34 22.45 12.76
N GLU B 204 9.45 22.51 11.78
CA GLU B 204 9.89 22.56 10.39
C GLU B 204 10.21 24.00 9.99
N VAL B 205 11.19 24.15 9.10
CA VAL B 205 11.68 25.44 8.66
C VAL B 205 11.92 25.43 7.15
N THR B 206 11.91 26.59 6.52
CA THR B 206 12.35 26.69 5.14
C THR B 206 13.65 27.52 5.02
N ASN B 207 14.01 28.17 6.11
CA ASN B 207 15.11 29.13 6.14
C ASN B 207 16.17 28.82 7.17
N LEU B 208 17.38 29.29 6.90
CA LEU B 208 18.40 29.34 7.92
C LEU B 208 17.98 30.28 9.05
N ASP B 209 17.31 31.38 8.69
CA ASP B 209 16.82 32.29 9.72
C ASP B 209 15.78 31.64 10.62
N GLU B 210 14.83 30.92 10.04
CA GLU B 210 13.88 30.19 10.87
C GLU B 210 14.62 29.17 11.74
N LEU B 211 15.71 28.62 11.23
CA LEU B 211 16.45 27.62 11.98
C LEU B 211 17.03 28.23 13.25
N ASN B 212 17.60 29.43 13.10
CA ASN B 212 18.15 30.16 14.23
C ASN B 212 17.08 30.42 15.28
N GLN B 213 15.91 30.82 14.81
CA GLN B 213 14.77 31.00 15.69
C GLN B 213 14.48 29.74 16.52
N ALA B 214 14.32 28.62 15.83
CA ALA B 214 13.91 27.39 16.47
C ALA B 214 14.99 26.95 17.43
N ILE B 215 16.24 27.20 17.06
CA ILE B 215 17.38 26.95 17.94
C ILE B 215 17.33 27.88 19.15
N ALA B 216 17.04 29.16 18.88
CA ALA B 216 16.93 30.17 19.92
C ALA B 216 15.77 29.88 20.85
N ALA B 217 14.74 29.24 20.32
CA ALA B 217 13.54 28.92 21.09
C ALA B 217 13.69 27.58 21.80
N LYS B 218 14.88 27.00 21.67
CA LYS B 218 15.22 25.77 22.35
C LYS B 218 14.34 24.57 21.97
N ALA B 219 14.20 24.38 20.65
CA ALA B 219 13.59 23.17 20.08
C ALA B 219 14.46 21.92 20.34
N ASP B 220 13.85 20.76 20.17
CA ASP B 220 14.57 19.50 20.34
C ASP B 220 15.15 18.95 19.04
N ILE B 221 14.51 19.26 17.93
CA ILE B 221 15.00 18.82 16.64
C ILE B 221 14.34 19.71 15.60
N VAL B 222 14.97 19.81 14.45
CA VAL B 222 14.50 20.76 13.46
C VAL B 222 14.48 20.06 12.12
N MSE B 223 13.37 20.18 11.41
CA MSE B 223 13.26 19.59 10.09
C MSE B 223 13.63 20.64 9.07
O MSE B 223 13.12 21.76 9.10
CB MSE B 223 11.84 19.05 9.87
CG MSE B 223 11.60 18.42 8.51
SE MSE B 223 9.82 17.62 8.39
CE MSE B 223 9.33 18.06 6.55
N LEU B 224 14.54 20.29 8.17
CA LEU B 224 14.94 21.20 7.09
C LEU B 224 14.14 20.91 5.83
N ASP B 225 13.22 21.79 5.52
CA ASP B 225 12.38 21.62 4.34
C ASP B 225 13.06 22.16 3.09
N ASN B 226 13.46 21.25 2.21
CA ASN B 226 13.98 21.56 0.87
C ASN B 226 15.22 22.46 0.76
N PHE B 227 16.12 22.38 1.74
CA PHE B 227 17.36 23.16 1.67
C PHE B 227 18.29 22.68 0.56
N SER B 228 19.05 23.63 0.02
CA SER B 228 20.09 23.31 -0.92
C SER B 228 21.14 22.52 -0.17
N GLY B 229 21.99 21.83 -0.91
CA GLY B 229 23.17 21.24 -0.31
C GLY B 229 23.87 22.25 0.57
N GLU B 230 24.40 23.29 -0.04
CA GLU B 230 25.08 24.35 0.68
C GLU B 230 24.36 24.78 1.99
N ASP B 231 23.05 24.98 1.92
CA ASP B 231 22.34 25.41 3.13
C ASP B 231 22.33 24.32 4.18
N ILE B 232 22.22 23.08 3.74
CA ILE B 232 22.32 21.97 4.67
C ILE B 232 23.69 22.07 5.36
N ASP B 233 24.72 22.37 4.58
CA ASP B 233 26.05 22.51 5.16
C ASP B 233 26.06 23.59 6.22
N ILE B 234 25.57 24.78 5.88
CA ILE B 234 25.45 25.86 6.85
C ILE B 234 24.77 25.39 8.12
N ALA B 235 23.62 24.73 7.94
CA ALA B 235 22.75 24.30 9.03
C ALA B 235 23.49 23.42 10.01
N VAL B 236 24.13 22.39 9.47
CA VAL B 236 24.94 21.49 10.27
C VAL B 236 25.93 22.23 11.16
N SER B 237 26.67 23.19 10.60
CA SER B 237 27.58 24.02 11.40
C SER B 237 26.84 24.73 12.52
N ILE B 238 25.75 25.39 12.16
CA ILE B 238 24.94 26.13 13.12
C ILE B 238 24.39 25.22 14.23
N ALA B 239 24.07 23.98 13.88
CA ALA B 239 23.27 23.16 14.79
C ALA B 239 24.12 22.23 15.64
N ARG B 240 25.36 22.01 15.19
CA ARG B 240 26.26 21.11 15.88
C ARG B 240 26.29 21.43 17.37
N GLY B 241 25.87 20.45 18.16
CA GLY B 241 25.85 20.54 19.61
C GLY B 241 24.63 21.26 20.16
N LYS B 242 23.80 21.80 19.27
CA LYS B 242 22.65 22.59 19.69
C LYS B 242 21.35 21.80 19.53
N VAL B 243 20.88 21.68 18.29
CA VAL B 243 19.70 20.87 17.99
C VAL B 243 20.02 19.73 17.06
N ALA B 244 19.25 18.67 17.18
CA ALA B 244 19.24 17.57 16.23
C ALA B 244 18.67 18.09 14.91
N LEU B 245 19.19 17.59 13.79
CA LEU B 245 18.72 18.02 12.47
C LEU B 245 18.20 16.84 11.67
N GLU B 246 17.03 17.05 11.04
CA GLU B 246 16.40 16.07 10.15
C GLU B 246 16.12 16.73 8.78
N VAL B 247 16.55 16.09 7.70
CA VAL B 247 16.42 16.68 6.35
C VAL B 247 15.25 16.11 5.54
N SER B 248 14.36 16.98 5.08
CA SER B 248 13.22 16.57 4.25
C SER B 248 13.22 17.33 2.93
N GLY B 249 12.96 16.63 1.84
CA GLY B 249 12.95 17.27 0.52
C GLY B 249 12.73 16.23 -0.55
N ASN B 250 11.57 15.58 -0.50
CA ASN B 250 11.20 14.48 -1.38
C ASN B 250 12.39 13.58 -1.75
N ILE B 251 12.94 12.91 -0.74
CA ILE B 251 14.18 12.15 -0.92
C ILE B 251 13.98 10.70 -1.35
N ASP B 252 14.84 10.25 -2.26
CA ASP B 252 14.81 8.88 -2.80
C ASP B 252 16.23 8.30 -2.93
N ARG B 253 16.30 7.07 -3.42
CA ARG B 253 17.57 6.36 -3.61
C ARG B 253 18.58 7.13 -4.44
N ASN B 254 18.12 8.17 -5.13
CA ASN B 254 18.99 8.93 -6.02
C ASN B 254 19.49 10.25 -5.43
N SER B 255 18.92 10.68 -4.31
CA SER B 255 19.31 11.96 -3.72
C SER B 255 19.89 11.82 -2.31
N ILE B 256 19.63 10.67 -1.69
CA ILE B 256 19.97 10.45 -0.28
C ILE B 256 21.48 10.53 0.03
N VAL B 257 22.31 9.99 -0.86
CA VAL B 257 23.76 9.96 -0.66
C VAL B 257 24.42 11.34 -0.63
N ALA B 258 24.01 12.20 -1.57
CA ALA B 258 24.48 13.58 -1.60
C ALA B 258 24.17 14.28 -0.29
N ILE B 259 22.94 14.10 0.19
CA ILE B 259 22.52 14.70 1.45
C ILE B 259 23.24 14.09 2.65
N ALA B 260 23.42 12.77 2.61
CA ALA B 260 24.07 12.09 3.72
C ALA B 260 25.54 12.51 3.85
N LYS B 261 26.13 12.94 2.73
CA LYS B 261 27.53 13.38 2.73
C LYS B 261 27.74 14.66 3.54
N THR B 262 26.63 15.29 3.93
CA THR B 262 26.66 16.56 4.64
C THR B 262 26.82 16.30 6.12
N GLY B 263 26.37 15.12 6.55
CA GLY B 263 26.50 14.71 7.94
C GLY B 263 25.36 15.14 8.84
N VAL B 264 24.23 15.54 8.26
CA VAL B 264 23.08 15.79 9.11
C VAL B 264 22.74 14.47 9.78
N ASP B 265 22.22 14.56 11.01
CA ASP B 265 21.96 13.41 11.84
C ASP B 265 20.97 12.46 11.17
N PHE B 266 19.89 13.05 10.65
CA PHE B 266 18.74 12.30 10.19
C PHE B 266 18.24 12.73 8.82
N ILE B 267 17.76 11.76 8.05
CA ILE B 267 17.12 12.03 6.77
C ILE B 267 15.70 11.45 6.76
N SER B 268 14.69 12.32 6.67
CA SER B 268 13.30 11.89 6.57
C SER B 268 13.00 11.46 5.15
N VAL B 269 12.23 10.39 5.02
CA VAL B 269 11.92 9.83 3.71
C VAL B 269 10.53 9.23 3.74
N GLY B 270 9.60 9.84 3.02
CA GLY B 270 8.25 9.33 2.93
C GLY B 270 8.21 8.17 1.97
N ALA B 271 9.19 8.12 1.07
CA ALA B 271 9.18 7.17 -0.05
C ALA B 271 9.10 5.75 0.47
N ILE B 272 9.62 5.53 1.67
CA ILE B 272 9.74 4.18 2.20
C ILE B 272 8.42 3.59 2.69
N THR B 273 7.37 4.41 2.76
CA THR B 273 6.05 3.97 3.21
C THR B 273 4.94 4.31 2.22
N LYS B 274 5.03 5.51 1.65
CA LYS B 274 4.19 6.01 0.56
C LYS B 274 3.99 5.03 -0.61
N HIS B 275 5.09 4.53 -1.15
CA HIS B 275 5.06 3.61 -2.27
C HIS B 275 5.22 2.19 -1.73
N ILE B 276 4.86 1.21 -2.55
CA ILE B 276 5.12 -0.20 -2.23
C ILE B 276 5.72 -0.93 -3.42
N LYS B 277 6.90 -1.52 -3.24
CA LYS B 277 7.41 -2.49 -4.19
C LYS B 277 7.25 -3.85 -3.52
N ALA B 278 6.18 -4.54 -3.85
CA ALA B 278 5.95 -5.86 -3.25
C ALA B 278 7.02 -6.89 -3.66
N ILE B 279 7.45 -7.66 -2.68
CA ILE B 279 8.35 -8.76 -2.91
C ILE B 279 7.61 -9.90 -3.58
N ASP B 280 8.25 -10.52 -4.57
CA ASP B 280 7.67 -11.64 -5.28
C ASP B 280 7.84 -12.97 -4.51
N LEU B 281 6.70 -13.55 -4.19
CA LEU B 281 6.64 -14.72 -3.34
C LEU B 281 5.92 -15.80 -4.10
N SER B 282 5.98 -17.02 -3.58
CA SER B 282 5.20 -18.11 -4.13
C SER B 282 4.98 -19.18 -3.03
N LEU B 283 3.76 -19.69 -2.92
CA LEU B 283 3.54 -20.82 -2.03
C LEU B 283 3.53 -22.13 -2.85
N GLN B 284 4.49 -22.99 -2.62
CA GLN B 284 4.49 -24.28 -3.30
C GLN B 284 3.77 -25.32 -2.42
N VAL B 285 2.62 -25.78 -2.90
CA VAL B 285 1.77 -26.69 -2.16
C VAL B 285 1.86 -28.12 -2.68
N GLN B 286 2.64 -28.94 -1.97
CA GLN B 286 2.68 -30.40 -2.19
C GLN B 286 3.87 -31.08 -1.52
P PO4 C . -6.96 -14.79 -8.31
O1 PO4 C . -6.38 -15.22 -9.63
O2 PO4 C . -8.46 -14.69 -8.42
O3 PO4 C . -6.69 -15.83 -7.26
O4 PO4 C . -6.36 -13.47 -7.97
P PO4 D . 1.22 -11.45 -11.27
O1 PO4 D . 2.20 -10.74 -12.15
O2 PO4 D . -0.19 -11.23 -11.77
O3 PO4 D . 1.44 -12.95 -11.32
O4 PO4 D . 1.41 -10.91 -9.89
P PO4 E . 8.44 13.14 1.48
O1 PO4 E . 9.18 14.14 0.63
O2 PO4 E . 7.87 12.10 0.57
O3 PO4 E . 9.42 12.57 2.47
O4 PO4 E . 7.33 13.81 2.25
P PO4 F . 5.03 13.73 10.06
O1 PO4 F . 6.27 14.52 9.76
O2 PO4 F . 4.87 12.61 9.06
O3 PO4 F . 5.12 13.18 11.44
O4 PO4 F . 3.84 14.64 9.99
#